data_1SLH
#
_entry.id   1SLH
#
_cell.length_a   108.273
_cell.length_b   108.273
_cell.length_c   100.792
_cell.angle_alpha   90.00
_cell.angle_beta   90.00
_cell.angle_gamma   120.00
#
_symmetry.space_group_name_H-M   'P 31 2 1'
#
loop_
_entity.id
_entity.type
_entity.pdbx_description
1 polymer "Deoxyuridine 5'-triphosphate nucleotidohydrolase"
2 non-polymer 'MAGNESIUM ION'
3 non-polymer "DEOXYURIDINE-5'-DIPHOSPHATE"
4 non-polymer 2-AMINO-2-HYDROXYMETHYL-PROPANE-1,3-DIOL
5 water water
#
_entity_poly.entity_id   1
_entity_poly.type   'polypeptide(L)'
_entity_poly.pdbx_seq_one_letter_code
;MGSSHHHHHHSSGLVPRGSHMSTTLAIVRLDPGLPLPSRAHDGDAGVDLYSAEDVELAPGRRALVRTGVAVAVPFGMVGL
VHPRSGLATRVGLSIVNSPGTIDAGYRGEIKVALINLDPAAPIVVHRGDRIAQLLVQRVELVELVEVSSFDEAGLASTSR
GDGGHGSSGGHASL
;
_entity_poly.pdbx_strand_id   A,B,C
#
loop_
_chem_comp.id
_chem_comp.type
_chem_comp.name
_chem_comp.formula
DUD non-polymer DEOXYURIDINE-5'-DIPHOSPHATE 'C9 H14 N2 O11 P2'
MG non-polymer 'MAGNESIUM ION' 'Mg 2'
TRS non-polymer 2-AMINO-2-HYDROXYMETHYL-PROPANE-1,3-DIOL 'C4 H12 N O3 1'
#
# COMPACT_ATOMS: atom_id res chain seq x y z
N SER A 22 15.92 -7.84 14.54
CA SER A 22 16.27 -6.94 15.67
C SER A 22 15.06 -6.64 16.54
N THR A 23 13.91 -6.38 15.93
CA THR A 23 12.66 -6.07 16.69
C THR A 23 11.81 -7.32 16.91
N THR A 24 11.38 -7.64 18.14
CA THR A 24 10.55 -8.84 18.25
C THR A 24 9.05 -8.55 18.11
N LEU A 25 8.36 -9.53 17.54
CA LEU A 25 6.93 -9.42 17.34
C LEU A 25 6.33 -10.66 17.96
N ALA A 26 5.41 -10.44 18.89
CA ALA A 26 4.74 -11.54 19.56
C ALA A 26 3.65 -12.02 18.63
N ILE A 27 3.66 -13.32 18.35
CA ILE A 27 2.68 -13.86 17.42
C ILE A 27 1.99 -15.09 17.98
N VAL A 28 0.69 -15.16 17.77
CA VAL A 28 -0.11 -16.29 18.24
C VAL A 28 -0.67 -17.13 17.08
N ARG A 29 -0.33 -18.40 17.06
CA ARG A 29 -0.87 -19.26 16.01
C ARG A 29 -2.28 -19.75 16.39
N LEU A 30 -3.32 -19.01 15.97
CA LEU A 30 -4.67 -19.45 16.25
C LEU A 30 -4.86 -20.86 15.65
N ASP A 31 -4.25 -21.08 14.48
CA ASP A 31 -4.36 -22.36 13.82
C ASP A 31 -2.97 -23.00 13.91
N PRO A 32 -2.81 -23.90 14.89
CA PRO A 32 -1.53 -24.58 15.09
C PRO A 32 -1.16 -25.51 13.92
N GLY A 33 -2.04 -25.71 12.97
CA GLY A 33 -1.76 -26.57 11.88
C GLY A 33 -0.93 -25.90 10.72
N LEU A 34 -0.70 -24.57 10.84
CA LEU A 34 0.00 -23.85 9.83
C LEU A 34 1.47 -23.62 10.30
N PRO A 35 2.42 -23.43 9.36
CA PRO A 35 3.80 -23.15 9.80
C PRO A 35 3.82 -21.74 10.29
N LEU A 36 4.70 -21.44 11.23
CA LEU A 36 4.84 -20.08 11.76
C LEU A 36 5.46 -19.22 10.65
N PRO A 37 4.87 -18.04 10.36
CA PRO A 37 5.45 -17.19 9.31
C PRO A 37 6.94 -16.91 9.57
N SER A 38 7.73 -16.89 8.49
CA SER A 38 9.18 -16.69 8.61
C SER A 38 9.78 -15.79 7.54
N ARG A 39 10.98 -15.30 7.80
CA ARG A 39 11.70 -14.43 6.88
C ARG A 39 12.66 -15.31 6.10
N ALA A 40 12.53 -15.31 4.79
CA ALA A 40 13.37 -16.14 3.92
C ALA A 40 14.89 -15.84 3.93
N HIS A 41 15.24 -14.56 3.99
CA HIS A 41 16.63 -14.10 3.97
C HIS A 41 16.77 -13.00 4.99
N ASP A 42 18.01 -12.75 5.40
CA ASP A 42 18.32 -11.75 6.42
C ASP A 42 17.78 -10.34 6.28
N GLY A 43 17.81 -9.80 5.07
CA GLY A 43 17.34 -8.45 4.89
C GLY A 43 15.93 -8.31 4.35
N ASP A 44 15.29 -9.44 4.08
CA ASP A 44 13.93 -9.53 3.53
C ASP A 44 12.95 -8.68 4.29
N ALA A 45 12.20 -7.88 3.55
CA ALA A 45 11.26 -6.98 4.14
C ALA A 45 10.19 -7.62 5.06
N GLY A 46 9.44 -8.63 4.62
CA GLY A 46 8.44 -9.20 5.52
C GLY A 46 8.43 -10.71 5.60
N VAL A 47 7.38 -11.24 6.19
CA VAL A 47 7.23 -12.67 6.33
C VAL A 47 5.93 -13.07 5.62
N ASP A 48 5.94 -14.18 4.86
CA ASP A 48 4.73 -14.63 4.15
C ASP A 48 3.73 -15.24 5.10
N LEU A 49 2.47 -14.85 4.92
CA LEU A 49 1.34 -15.35 5.69
C LEU A 49 0.70 -16.48 4.88
N TYR A 50 0.16 -17.47 5.59
CA TYR A 50 -0.49 -18.64 5.00
C TYR A 50 -2.01 -18.50 5.04
N SER A 51 -2.67 -19.34 4.25
CA SER A 51 -4.12 -19.38 4.19
C SER A 51 -4.47 -20.54 5.08
N ALA A 52 -5.45 -20.33 5.96
CA ALA A 52 -5.93 -21.36 6.88
C ALA A 52 -7.10 -22.11 6.20
N GLU A 53 -7.50 -21.64 5.03
CA GLU A 53 -8.61 -22.26 4.34
C GLU A 53 -8.43 -22.48 2.85
N ASP A 54 -9.29 -23.34 2.29
CA ASP A 54 -9.31 -23.64 0.87
C ASP A 54 -10.37 -22.73 0.31
N VAL A 55 -10.04 -21.98 -0.73
CA VAL A 55 -10.97 -21.04 -1.34
C VAL A 55 -10.77 -21.06 -2.86
N GLU A 56 -11.82 -20.70 -3.62
CA GLU A 56 -11.70 -20.61 -5.07
C GLU A 56 -12.35 -19.29 -5.48
N LEU A 57 -11.65 -18.53 -6.29
CA LEU A 57 -12.17 -17.24 -6.72
C LEU A 57 -12.41 -17.31 -8.22
N ALA A 58 -13.63 -16.96 -8.62
CA ALA A 58 -13.95 -16.94 -10.03
C ALA A 58 -13.46 -15.59 -10.50
N PRO A 59 -13.25 -15.44 -11.81
CA PRO A 59 -12.77 -14.15 -12.31
C PRO A 59 -13.57 -12.98 -11.77
N GLY A 60 -12.83 -12.06 -11.15
CA GLY A 60 -13.37 -10.83 -10.59
C GLY A 60 -13.98 -10.90 -9.21
N ARG A 61 -13.94 -12.08 -8.59
CA ARG A 61 -14.53 -12.24 -7.27
C ARG A 61 -13.49 -12.17 -6.15
N ARG A 62 -13.95 -11.77 -4.97
CA ARG A 62 -13.10 -11.64 -3.79
C ARG A 62 -13.49 -12.60 -2.68
N ALA A 63 -12.67 -12.60 -1.63
CA ALA A 63 -12.86 -13.43 -0.46
C ALA A 63 -12.04 -12.87 0.71
N LEU A 64 -12.48 -13.13 1.94
CA LEU A 64 -11.75 -12.67 3.12
C LEU A 64 -11.23 -13.96 3.77
N VAL A 65 -9.96 -14.27 3.55
CA VAL A 65 -9.34 -15.49 4.04
C VAL A 65 -8.67 -15.36 5.41
N ARG A 66 -8.79 -16.38 6.24
CA ARG A 66 -8.18 -16.37 7.57
C ARG A 66 -6.75 -16.84 7.45
N THR A 67 -5.80 -16.19 8.14
CA THR A 67 -4.38 -16.60 8.04
C THR A 67 -3.96 -17.47 9.24
N GLY A 68 -4.82 -17.53 10.24
CA GLY A 68 -4.54 -18.33 11.41
C GLY A 68 -3.55 -17.77 12.38
N VAL A 69 -3.32 -16.48 12.28
CA VAL A 69 -2.38 -15.80 13.17
C VAL A 69 -2.91 -14.45 13.57
N ALA A 70 -2.47 -14.04 14.76
CA ALA A 70 -2.75 -12.74 15.38
C ALA A 70 -1.41 -12.18 15.87
N VAL A 71 -1.18 -10.90 15.64
CA VAL A 71 0.09 -10.34 16.08
C VAL A 71 -0.05 -9.18 17.07
N ALA A 72 1.05 -8.93 17.76
CA ALA A 72 1.10 -7.83 18.70
C ALA A 72 2.06 -6.76 18.13
N VAL A 73 1.59 -6.00 17.15
CA VAL A 73 2.41 -4.95 16.54
C VAL A 73 2.80 -3.95 17.62
N PRO A 74 4.10 -3.68 17.75
CA PRO A 74 4.55 -2.72 18.75
C PRO A 74 3.99 -1.31 18.65
N PHE A 75 3.68 -0.71 19.78
CA PHE A 75 3.18 0.66 19.79
C PHE A 75 4.19 1.53 18.97
N GLY A 76 3.68 2.43 18.13
CA GLY A 76 4.57 3.24 17.31
C GLY A 76 4.92 2.63 15.96
N MET A 77 4.51 1.38 15.77
CA MET A 77 4.74 0.71 14.51
C MET A 77 3.39 0.37 13.90
N VAL A 78 3.43 -0.29 12.74
CA VAL A 78 2.26 -0.74 12.01
C VAL A 78 2.57 -1.97 11.13
N GLY A 79 1.59 -2.88 11.08
CA GLY A 79 1.64 -4.09 10.28
C GLY A 79 1.14 -3.66 8.94
N LEU A 80 1.63 -4.31 7.87
CA LEU A 80 1.22 -3.97 6.51
C LEU A 80 1.19 -5.22 5.71
N VAL A 81 0.02 -5.52 5.17
CA VAL A 81 -0.21 -6.69 4.36
C VAL A 81 -0.06 -6.38 2.87
N HIS A 82 0.94 -7.01 2.26
CA HIS A 82 1.19 -6.80 0.84
C HIS A 82 0.87 -8.04 0.00
N PRO A 83 0.56 -7.83 -1.28
CA PRO A 83 0.28 -8.94 -2.18
C PRO A 83 1.62 -9.58 -2.59
N ARG A 84 1.60 -10.85 -3.00
CA ARG A 84 2.83 -11.52 -3.47
C ARG A 84 2.91 -11.28 -4.97
N SER A 85 4.06 -10.84 -5.44
CA SER A 85 4.14 -10.54 -6.86
C SER A 85 4.10 -11.75 -7.78
N GLY A 86 4.63 -12.88 -7.33
CA GLY A 86 4.59 -14.06 -8.18
C GLY A 86 3.18 -14.33 -8.66
N LEU A 87 2.30 -14.64 -7.72
CA LEU A 87 0.89 -14.89 -7.97
C LEU A 87 0.22 -13.73 -8.69
N ALA A 88 0.55 -12.53 -8.26
CA ALA A 88 -0.04 -11.33 -8.86
C ALA A 88 0.15 -11.39 -10.38
N THR A 89 1.31 -11.83 -10.86
CA THR A 89 1.54 -11.92 -12.30
C THR A 89 1.05 -13.24 -12.92
N ARG A 90 1.47 -14.36 -12.34
CA ARG A 90 1.03 -15.62 -12.92
C ARG A 90 -0.49 -15.73 -13.05
N VAL A 91 -1.21 -15.54 -11.95
CA VAL A 91 -2.65 -15.66 -12.00
C VAL A 91 -3.49 -14.42 -11.72
N GLY A 92 -2.84 -13.25 -11.59
CA GLY A 92 -3.54 -12.01 -11.33
C GLY A 92 -4.17 -11.94 -9.95
N LEU A 93 -3.55 -12.63 -8.99
CA LEU A 93 -4.04 -12.62 -7.61
C LEU A 93 -3.70 -11.28 -6.98
N SER A 94 -4.63 -10.74 -6.18
CA SER A 94 -4.42 -9.44 -5.53
C SER A 94 -5.20 -9.25 -4.22
N ILE A 95 -4.94 -8.14 -3.52
CA ILE A 95 -5.58 -7.85 -2.23
C ILE A 95 -6.36 -6.53 -2.36
N VAL A 96 -7.67 -6.60 -2.14
CA VAL A 96 -8.56 -5.46 -2.31
C VAL A 96 -8.16 -4.21 -1.60
N ASN A 97 -7.74 -4.33 -0.35
CA ASN A 97 -7.33 -3.12 0.42
C ASN A 97 -5.83 -3.07 0.60
N SER A 98 -5.08 -3.46 -0.42
CA SER A 98 -3.62 -3.38 -0.25
C SER A 98 -3.17 -1.93 -0.27
N PRO A 99 -2.27 -1.55 0.63
CA PRO A 99 -1.68 -2.42 1.66
C PRO A 99 -2.65 -2.47 2.86
N GLY A 100 -2.93 -3.67 3.37
CA GLY A 100 -3.84 -3.72 4.48
C GLY A 100 -3.12 -3.20 5.70
N THR A 101 -3.83 -2.44 6.52
CA THR A 101 -3.24 -1.86 7.74
C THR A 101 -3.53 -2.65 8.98
N ILE A 102 -2.50 -3.01 9.74
CA ILE A 102 -2.70 -3.75 10.97
C ILE A 102 -2.25 -2.83 12.08
N ASP A 103 -3.20 -2.30 12.84
CA ASP A 103 -2.94 -1.41 13.96
C ASP A 103 -2.31 -2.14 15.13
N ALA A 104 -1.41 -1.43 15.81
CA ALA A 104 -0.69 -1.90 16.99
C ALA A 104 -1.67 -2.46 17.98
N GLY A 105 -2.82 -1.84 18.13
CA GLY A 105 -3.78 -2.38 19.09
C GLY A 105 -4.54 -3.63 18.67
N TYR A 106 -4.65 -3.88 17.38
CA TYR A 106 -5.37 -5.05 16.87
C TYR A 106 -4.80 -6.37 17.32
N ARG A 107 -5.57 -7.12 18.07
CA ARG A 107 -5.12 -8.40 18.58
C ARG A 107 -5.99 -9.50 17.98
N GLY A 108 -6.76 -9.16 16.95
CA GLY A 108 -7.60 -10.14 16.30
C GLY A 108 -6.90 -10.96 15.23
N GLU A 109 -7.60 -11.88 14.59
CA GLU A 109 -6.90 -12.66 13.57
C GLU A 109 -6.65 -11.81 12.34
N ILE A 110 -5.53 -12.03 11.68
CA ILE A 110 -5.26 -11.30 10.46
C ILE A 110 -6.02 -11.99 9.31
N LYS A 111 -6.60 -11.17 8.44
CA LYS A 111 -7.37 -11.71 7.32
C LYS A 111 -7.00 -10.98 6.06
N VAL A 112 -6.97 -11.72 4.97
CA VAL A 112 -6.60 -11.19 3.69
C VAL A 112 -7.78 -11.12 2.73
N ALA A 113 -8.00 -9.94 2.17
CA ALA A 113 -9.05 -9.73 1.20
C ALA A 113 -8.50 -10.07 -0.18
N LEU A 114 -8.51 -11.35 -0.52
CA LEU A 114 -8.00 -11.75 -1.81
C LEU A 114 -9.01 -11.48 -2.92
N ILE A 115 -8.53 -11.19 -4.12
CA ILE A 115 -9.39 -10.92 -5.28
C ILE A 115 -8.70 -11.43 -6.54
N ASN A 116 -9.52 -12.03 -7.40
CA ASN A 116 -9.03 -12.59 -8.65
C ASN A 116 -9.15 -11.54 -9.72
N LEU A 117 -8.06 -10.87 -10.05
CA LEU A 117 -8.15 -9.82 -11.08
C LEU A 117 -7.97 -10.32 -12.50
N ASP A 118 -7.92 -11.63 -12.69
CA ASP A 118 -7.78 -12.17 -14.04
C ASP A 118 -9.17 -12.20 -14.70
N PRO A 119 -9.22 -11.95 -16.02
CA PRO A 119 -10.49 -11.93 -16.73
C PRO A 119 -11.22 -13.25 -16.88
N ALA A 120 -10.51 -14.37 -17.05
CA ALA A 120 -11.21 -15.63 -17.27
C ALA A 120 -10.87 -16.86 -16.47
N ALA A 121 -9.69 -16.93 -15.88
CA ALA A 121 -9.29 -18.13 -15.17
C ALA A 121 -9.38 -18.05 -13.66
N PRO A 122 -10.16 -18.96 -13.07
CA PRO A 122 -10.37 -19.04 -11.63
C PRO A 122 -9.05 -19.31 -10.91
N ILE A 123 -8.95 -18.87 -9.65
CA ILE A 123 -7.76 -19.07 -8.85
C ILE A 123 -8.18 -20.02 -7.76
N VAL A 124 -7.31 -20.96 -7.43
CA VAL A 124 -7.62 -21.92 -6.40
C VAL A 124 -6.56 -21.83 -5.34
N VAL A 125 -7.00 -21.42 -4.13
CA VAL A 125 -6.12 -21.27 -2.96
C VAL A 125 -6.34 -22.47 -2.04
N HIS A 126 -5.24 -23.06 -1.61
CA HIS A 126 -5.25 -24.22 -0.75
C HIS A 126 -4.75 -23.86 0.62
N ARG A 127 -5.39 -24.41 1.64
CA ARG A 127 -4.92 -24.17 2.99
C ARG A 127 -3.44 -24.60 2.97
N GLY A 128 -2.57 -23.72 3.49
CA GLY A 128 -1.13 -23.97 3.54
C GLY A 128 -0.37 -23.10 2.54
N ASP A 129 -1.12 -22.48 1.66
CA ASP A 129 -0.52 -21.63 0.64
C ASP A 129 -0.07 -20.27 1.19
N ARG A 130 1.03 -19.74 0.65
CA ARG A 130 1.51 -18.42 1.06
C ARG A 130 0.76 -17.43 0.17
N ILE A 131 -0.18 -16.71 0.80
CA ILE A 131 -1.06 -15.78 0.07
C ILE A 131 -0.82 -14.29 0.24
N ALA A 132 0.20 -13.94 1.00
CA ALA A 132 0.52 -12.53 1.24
C ALA A 132 1.80 -12.43 2.06
N GLN A 133 2.17 -11.20 2.38
CA GLN A 133 3.32 -10.98 3.23
C GLN A 133 3.07 -9.79 4.17
N LEU A 134 3.59 -9.97 5.38
CA LEU A 134 3.44 -9.01 6.46
C LEU A 134 4.75 -8.29 6.70
N LEU A 135 4.71 -6.97 6.57
CA LEU A 135 5.85 -6.11 6.87
C LEU A 135 5.47 -5.34 8.11
N VAL A 136 6.47 -4.93 8.87
CA VAL A 136 6.27 -4.10 10.06
C VAL A 136 7.15 -2.83 9.86
N GLN A 137 6.58 -1.66 10.07
CA GLN A 137 7.33 -0.41 9.93
C GLN A 137 6.95 0.55 11.05
N ARG A 138 7.77 1.57 11.29
CA ARG A 138 7.39 2.51 12.31
C ARG A 138 6.43 3.45 11.60
N VAL A 139 5.57 4.08 12.38
CA VAL A 139 4.58 4.99 11.84
C VAL A 139 4.61 6.22 12.73
N GLU A 140 4.36 7.38 12.16
CA GLU A 140 4.36 8.62 12.92
C GLU A 140 2.95 8.84 13.40
N LEU A 141 2.71 8.68 14.70
CA LEU A 141 1.36 8.91 15.25
C LEU A 141 1.23 10.43 15.39
N VAL A 142 1.22 11.14 14.26
CA VAL A 142 1.16 12.59 14.24
C VAL A 142 -0.05 13.13 14.97
N GLU A 143 0.08 14.39 15.36
CA GLU A 143 -0.97 15.10 16.04
C GLU A 143 -1.45 16.10 15.03
N LEU A 144 -2.74 16.01 14.70
CA LEU A 144 -3.27 16.92 13.73
C LEU A 144 -3.53 18.26 14.34
N VAL A 145 -3.04 19.28 13.66
CA VAL A 145 -3.20 20.65 14.10
C VAL A 145 -3.78 21.56 13.00
N GLU A 146 -5.10 21.79 13.08
CA GLU A 146 -5.79 22.62 12.09
C GLU A 146 -5.30 24.06 12.06
N VAL A 147 -5.29 24.62 10.85
CA VAL A 147 -4.84 25.97 10.64
C VAL A 147 -5.83 26.55 9.66
N SER A 148 -5.84 27.87 9.51
CA SER A 148 -6.79 28.48 8.62
C SER A 148 -6.23 28.37 7.23
N SER A 149 -4.95 28.73 7.10
CA SER A 149 -4.26 28.69 5.82
C SER A 149 -2.79 28.31 5.93
N PHE A 150 -2.26 27.76 4.86
CA PHE A 150 -0.86 27.38 4.87
C PHE A 150 0.06 28.60 4.97
N ASP A 151 -0.30 29.70 4.30
CA ASP A 151 0.51 30.92 4.35
C ASP A 151 0.70 31.39 5.81
N GLU A 152 -0.43 31.59 6.49
CA GLU A 152 -0.45 32.02 7.88
C GLU A 152 0.46 31.14 8.72
N ALA A 153 0.16 29.84 8.76
CA ALA A 153 0.98 28.91 9.52
C ALA A 153 2.47 29.08 9.18
N GLY A 154 2.76 29.30 7.88
CA GLY A 154 4.13 29.48 7.40
C GLY A 154 4.66 28.35 6.54
N LEU A 155 3.76 27.74 5.78
CA LEU A 155 4.05 26.61 4.89
C LEU A 155 3.47 26.80 3.48
N ALA A 156 4.16 27.55 2.64
CA ALA A 156 3.69 27.78 1.28
C ALA A 156 4.70 27.24 0.27
N THR B 23 22.00 8.93 2.96
CA THR B 23 21.73 7.52 2.48
C THR B 23 21.68 7.49 0.96
N THR B 24 22.56 6.72 0.35
CA THR B 24 22.62 6.63 -1.08
C THR B 24 22.11 5.27 -1.53
N LEU B 25 21.59 5.20 -2.74
CA LEU B 25 21.07 3.96 -3.30
C LEU B 25 21.84 3.73 -4.58
N ALA B 26 22.59 2.63 -4.62
CA ALA B 26 23.36 2.26 -5.78
C ALA B 26 22.38 1.73 -6.80
N ILE B 27 22.40 2.31 -7.99
CA ILE B 27 21.50 1.90 -9.05
C ILE B 27 22.30 1.61 -10.32
N VAL B 28 21.87 0.56 -11.00
CA VAL B 28 22.48 0.10 -12.24
C VAL B 28 21.47 0.22 -13.39
N ARG B 29 21.85 0.95 -14.43
CA ARG B 29 20.97 1.06 -15.55
C ARG B 29 21.20 -0.11 -16.51
N LEU B 30 20.46 -1.19 -16.30
CA LEU B 30 20.55 -2.36 -17.16
C LEU B 30 20.36 -1.92 -18.58
N ASP B 31 19.41 -1.03 -18.78
CA ASP B 31 19.11 -0.48 -20.09
C ASP B 31 19.66 0.93 -20.07
N PRO B 32 20.75 1.19 -20.80
CA PRO B 32 21.31 2.54 -20.80
C PRO B 32 20.54 3.60 -21.58
N GLY B 33 19.54 3.15 -22.33
CA GLY B 33 18.76 4.07 -23.14
C GLY B 33 17.73 4.91 -22.41
N LEU B 34 17.48 4.51 -21.16
CA LEU B 34 16.52 5.20 -20.34
C LEU B 34 17.25 6.14 -19.40
N PRO B 35 16.61 7.27 -19.06
CA PRO B 35 17.25 8.23 -18.15
C PRO B 35 17.38 7.61 -16.77
N LEU B 36 18.23 8.19 -15.94
CA LEU B 36 18.37 7.67 -14.60
C LEU B 36 17.17 8.15 -13.77
N PRO B 37 16.56 7.25 -13.00
CA PRO B 37 15.44 7.78 -12.24
C PRO B 37 15.93 8.94 -11.34
N SER B 38 15.06 9.91 -11.11
CA SER B 38 15.43 11.05 -10.27
C SER B 38 14.27 11.62 -9.48
N ARG B 39 14.61 12.39 -8.45
CA ARG B 39 13.65 13.01 -7.57
C ARG B 39 13.28 14.40 -8.09
N ALA B 40 11.98 14.59 -8.39
CA ALA B 40 11.46 15.84 -8.94
C ALA B 40 11.65 17.06 -8.04
N HIS B 41 11.32 16.93 -6.75
CA HIS B 41 11.42 18.00 -5.75
C HIS B 41 12.15 17.50 -4.51
N ASP B 42 12.69 18.45 -3.74
CA ASP B 42 13.50 18.14 -2.56
C ASP B 42 12.94 17.18 -1.55
N GLY B 43 11.65 17.25 -1.31
CA GLY B 43 11.05 16.36 -0.33
C GLY B 43 10.26 15.18 -0.85
N ASP B 44 10.16 15.06 -2.19
CA ASP B 44 9.41 13.96 -2.82
C ASP B 44 9.77 12.59 -2.29
N ALA B 45 8.73 11.83 -1.99
CA ALA B 45 8.88 10.51 -1.44
C ALA B 45 9.68 9.51 -2.26
N GLY B 46 9.47 9.49 -3.57
CA GLY B 46 10.19 8.55 -4.41
C GLY B 46 10.68 9.13 -5.73
N VAL B 47 11.09 8.23 -6.62
CA VAL B 47 11.57 8.59 -7.95
C VAL B 47 10.78 7.77 -8.97
N ASP B 48 10.33 8.41 -10.06
CA ASP B 48 9.57 7.74 -11.13
C ASP B 48 10.51 6.81 -11.89
N LEU B 49 10.04 5.57 -12.12
CA LEU B 49 10.75 4.54 -12.89
C LEU B 49 10.18 4.53 -14.31
N TYR B 50 11.00 4.14 -15.29
CA TYR B 50 10.51 4.11 -16.67
C TYR B 50 10.19 2.70 -17.18
N SER B 51 9.50 2.67 -18.32
CA SER B 51 9.20 1.42 -18.97
C SER B 51 10.28 1.21 -20.03
N ALA B 52 10.93 0.06 -20.02
CA ALA B 52 11.94 -0.22 -21.02
C ALA B 52 11.30 -0.78 -22.27
N GLU B 53 10.00 -1.11 -22.20
CA GLU B 53 9.32 -1.71 -23.35
C GLU B 53 7.96 -1.14 -23.73
N ASP B 54 7.55 -1.40 -24.98
CA ASP B 54 6.26 -0.93 -25.50
C ASP B 54 5.23 -2.04 -25.28
N VAL B 55 4.14 -1.71 -24.61
CA VAL B 55 3.12 -2.69 -24.32
C VAL B 55 1.74 -2.08 -24.48
N GLU B 56 0.75 -2.89 -24.82
CA GLU B 56 -0.60 -2.39 -24.92
C GLU B 56 -1.48 -3.31 -24.08
N LEU B 57 -2.25 -2.73 -23.18
CA LEU B 57 -3.11 -3.51 -22.29
C LEU B 57 -4.56 -3.29 -22.59
N ALA B 58 -5.26 -4.40 -22.87
CA ALA B 58 -6.70 -4.39 -23.17
C ALA B 58 -7.47 -4.27 -21.88
N PRO B 59 -8.74 -3.88 -21.97
CA PRO B 59 -9.45 -3.76 -20.69
C PRO B 59 -9.40 -5.01 -19.84
N GLY B 60 -8.80 -4.88 -18.65
CA GLY B 60 -8.72 -5.99 -17.72
C GLY B 60 -7.50 -6.86 -17.82
N ARG B 61 -6.58 -6.50 -18.70
CA ARG B 61 -5.40 -7.31 -18.85
C ARG B 61 -4.18 -6.70 -18.19
N ARG B 62 -3.25 -7.56 -17.80
CA ARG B 62 -2.02 -7.19 -17.12
C ARG B 62 -0.79 -7.47 -17.96
N ALA B 63 0.37 -7.12 -17.42
CA ALA B 63 1.64 -7.31 -18.10
C ALA B 63 2.78 -6.98 -17.14
N LEU B 64 3.86 -7.76 -17.17
CA LEU B 64 5.03 -7.53 -16.33
C LEU B 64 6.04 -6.78 -17.18
N VAL B 65 6.19 -5.49 -16.92
CA VAL B 65 7.11 -4.63 -17.67
C VAL B 65 8.46 -4.44 -16.99
N ARG B 66 9.53 -4.44 -17.79
CA ARG B 66 10.89 -4.26 -17.28
C ARG B 66 11.10 -2.77 -17.17
N THR B 67 11.81 -2.33 -16.14
CA THR B 67 12.09 -0.90 -15.97
C THR B 67 13.53 -0.50 -16.32
N GLY B 68 14.35 -1.45 -16.76
CA GLY B 68 15.72 -1.14 -17.14
C GLY B 68 16.67 -0.79 -16.00
N VAL B 69 16.24 -1.06 -14.76
CA VAL B 69 17.07 -0.76 -13.59
C VAL B 69 17.11 -1.84 -12.54
N ALA B 70 18.21 -1.86 -11.78
CA ALA B 70 18.39 -2.78 -10.66
C ALA B 70 18.91 -1.90 -9.53
N VAL B 71 18.50 -2.15 -8.31
CA VAL B 71 18.97 -1.34 -7.20
C VAL B 71 19.57 -2.14 -6.04
N ALA B 72 20.27 -1.45 -5.15
CA ALA B 72 20.87 -2.15 -4.00
C ALA B 72 20.34 -1.45 -2.78
N VAL B 73 19.08 -1.71 -2.49
CA VAL B 73 18.41 -1.18 -1.33
C VAL B 73 19.21 -1.55 -0.09
N PRO B 74 19.55 -0.55 0.74
CA PRO B 74 20.32 -0.74 1.96
C PRO B 74 19.71 -1.77 2.91
N PHE B 75 20.57 -2.49 3.61
CA PHE B 75 20.13 -3.49 4.59
C PHE B 75 19.33 -2.71 5.65
N GLY B 76 18.23 -3.29 6.13
CA GLY B 76 17.46 -2.59 7.13
C GLY B 76 16.43 -1.69 6.48
N MET B 77 16.39 -1.69 5.14
CA MET B 77 15.42 -0.89 4.37
C MET B 77 14.70 -1.73 3.30
N VAL B 78 13.75 -1.10 2.63
CA VAL B 78 12.96 -1.78 1.63
C VAL B 78 12.55 -0.81 0.54
N GLY B 79 12.54 -1.31 -0.70
CA GLY B 79 12.11 -0.51 -1.83
C GLY B 79 10.63 -0.80 -1.99
N LEU B 80 9.86 0.21 -2.35
CA LEU B 80 8.41 0.08 -2.54
C LEU B 80 8.00 0.68 -3.85
N VAL B 81 7.31 -0.13 -4.64
CA VAL B 81 6.83 0.30 -5.93
C VAL B 81 5.37 0.67 -5.80
N HIS B 82 5.08 1.94 -6.07
CA HIS B 82 3.75 2.54 -6.01
C HIS B 82 3.27 2.95 -7.38
N PRO B 83 1.94 2.94 -7.60
CA PRO B 83 1.27 3.32 -8.86
C PRO B 83 1.23 4.84 -8.92
N ARG B 84 1.37 5.40 -10.13
CA ARG B 84 1.31 6.87 -10.34
C ARG B 84 -0.18 7.24 -10.33
N SER B 85 -0.52 8.29 -9.63
CA SER B 85 -1.92 8.64 -9.50
C SER B 85 -2.55 9.28 -10.72
N GLY B 86 -1.77 10.03 -11.48
CA GLY B 86 -2.28 10.67 -12.69
C GLY B 86 -2.87 9.65 -13.66
N LEU B 87 -2.07 8.65 -14.04
CA LEU B 87 -2.55 7.60 -14.95
C LEU B 87 -3.64 6.75 -14.30
N ALA B 88 -3.51 6.57 -12.99
CA ALA B 88 -4.47 5.78 -12.23
C ALA B 88 -5.86 6.36 -12.48
N THR B 89 -5.99 7.68 -12.44
CA THR B 89 -7.28 8.32 -12.66
C THR B 89 -7.63 8.46 -14.12
N ARG B 90 -6.81 9.19 -14.87
CA ARG B 90 -7.11 9.39 -16.28
C ARG B 90 -7.41 8.11 -17.06
N VAL B 91 -6.58 7.07 -16.97
CA VAL B 91 -6.85 5.86 -17.74
C VAL B 91 -7.07 4.59 -16.94
N GLY B 92 -7.08 4.71 -15.62
CA GLY B 92 -7.29 3.55 -14.78
C GLY B 92 -6.11 2.60 -14.73
N LEU B 93 -4.89 3.13 -14.92
CA LEU B 93 -3.71 2.26 -14.90
C LEU B 93 -3.41 1.93 -13.45
N SER B 94 -2.94 0.70 -13.22
CA SER B 94 -2.64 0.28 -11.87
C SER B 94 -1.52 -0.81 -11.77
N ILE B 95 -1.22 -1.25 -10.57
CA ILE B 95 -0.20 -2.27 -10.36
C ILE B 95 -0.81 -3.39 -9.50
N VAL B 96 -0.97 -4.58 -10.09
CA VAL B 96 -1.56 -5.73 -9.42
C VAL B 96 -1.05 -6.04 -7.98
N ASN B 97 0.26 -6.04 -7.74
CA ASN B 97 0.80 -6.35 -6.36
C ASN B 97 1.26 -5.09 -5.61
N SER B 98 0.69 -3.96 -5.96
CA SER B 98 1.01 -2.72 -5.27
C SER B 98 0.66 -2.78 -3.75
N PRO B 99 1.56 -2.31 -2.86
CA PRO B 99 2.91 -1.82 -3.15
C PRO B 99 3.91 -2.93 -3.36
N GLY B 100 4.54 -2.91 -4.52
CA GLY B 100 5.55 -3.92 -4.81
C GLY B 100 6.69 -3.83 -3.82
N THR B 101 7.12 -4.98 -3.34
CA THR B 101 8.21 -5.07 -2.36
C THR B 101 9.56 -5.37 -3.00
N ILE B 102 10.54 -4.57 -2.68
CA ILE B 102 11.87 -4.79 -3.21
C ILE B 102 12.75 -5.03 -1.99
N ASP B 103 13.12 -6.30 -1.80
CA ASP B 103 13.99 -6.73 -0.71
C ASP B 103 15.39 -6.21 -0.92
N ALA B 104 16.03 -5.88 0.20
CA ALA B 104 17.38 -5.39 0.22
C ALA B 104 18.34 -6.36 -0.49
N GLY B 105 18.07 -7.66 -0.44
CA GLY B 105 19.00 -8.55 -1.12
C GLY B 105 18.82 -8.65 -2.64
N TYR B 106 17.64 -8.25 -3.09
CA TYR B 106 17.34 -8.31 -4.50
C TYR B 106 18.28 -7.50 -5.36
N ARG B 107 18.97 -8.17 -6.31
CA ARG B 107 19.86 -7.47 -7.25
C ARG B 107 19.39 -7.66 -8.71
N GLY B 108 18.18 -8.20 -8.90
CA GLY B 108 17.67 -8.39 -10.24
C GLY B 108 17.12 -7.10 -10.82
N GLU B 109 16.45 -7.19 -11.96
CA GLU B 109 15.89 -6.01 -12.59
C GLU B 109 14.53 -5.78 -11.94
N ILE B 110 14.15 -4.53 -11.75
CA ILE B 110 12.86 -4.22 -11.15
C ILE B 110 11.79 -4.29 -12.23
N LYS B 111 10.74 -5.05 -11.97
CA LYS B 111 9.68 -5.15 -12.92
C LYS B 111 8.37 -4.65 -12.30
N VAL B 112 7.50 -4.11 -13.14
CA VAL B 112 6.21 -3.60 -12.71
C VAL B 112 5.03 -4.40 -13.28
N ALA B 113 4.17 -4.92 -12.41
CA ALA B 113 3.00 -5.67 -12.86
C ALA B 113 1.85 -4.69 -13.13
N LEU B 114 1.88 -4.09 -14.32
CA LEU B 114 0.84 -3.16 -14.71
C LEU B 114 -0.41 -3.90 -15.13
N ILE B 115 -1.55 -3.29 -14.83
CA ILE B 115 -2.84 -3.86 -15.19
C ILE B 115 -3.74 -2.71 -15.62
N ASN B 116 -4.63 -2.98 -16.58
CA ASN B 116 -5.57 -1.97 -17.08
C ASN B 116 -6.91 -2.12 -16.38
N LEU B 117 -7.20 -1.33 -15.34
CA LEU B 117 -8.47 -1.52 -14.63
C LEU B 117 -9.72 -0.88 -15.25
N ASP B 118 -9.51 -0.13 -16.33
CA ASP B 118 -10.61 0.53 -17.03
C ASP B 118 -11.47 -0.51 -17.76
N PRO B 119 -12.78 -0.29 -17.78
CA PRO B 119 -13.75 -1.19 -18.42
C PRO B 119 -13.70 -1.33 -19.96
N ALA B 120 -13.33 -0.25 -20.67
CA ALA B 120 -13.39 -0.35 -22.10
C ALA B 120 -12.27 0.20 -22.96
N ALA B 121 -11.44 1.08 -22.40
CA ALA B 121 -10.36 1.69 -23.18
C ALA B 121 -9.00 1.09 -22.95
N PRO B 122 -8.36 0.63 -24.02
CA PRO B 122 -7.02 0.04 -23.92
C PRO B 122 -6.00 1.10 -23.49
N ILE B 123 -4.96 0.68 -22.80
CA ILE B 123 -3.93 1.63 -22.36
C ILE B 123 -2.68 1.32 -23.17
N VAL B 124 -1.98 2.36 -23.64
CA VAL B 124 -0.77 2.15 -24.41
C VAL B 124 0.48 2.69 -23.70
N VAL B 125 1.34 1.77 -23.28
CA VAL B 125 2.57 2.14 -22.62
C VAL B 125 3.68 2.14 -23.66
N HIS B 126 4.44 3.23 -23.65
CA HIS B 126 5.53 3.40 -24.59
C HIS B 126 6.83 3.31 -23.81
N ARG B 127 7.88 2.84 -24.47
CA ARG B 127 9.16 2.77 -23.80
C ARG B 127 9.49 4.21 -23.51
N GLY B 128 9.98 4.53 -22.31
CA GLY B 128 10.30 5.91 -22.02
C GLY B 128 9.26 6.58 -21.13
N ASP B 129 8.10 5.96 -21.02
CA ASP B 129 7.05 6.47 -20.17
C ASP B 129 7.37 6.15 -18.71
N ARG B 130 6.94 7.03 -17.80
CA ARG B 130 7.11 6.86 -16.36
C ARG B 130 5.86 6.12 -15.88
N ILE B 131 6.03 4.83 -15.58
CA ILE B 131 4.92 3.95 -15.20
C ILE B 131 4.69 3.68 -13.72
N ALA B 132 5.70 3.99 -12.90
CA ALA B 132 5.60 3.79 -11.46
C ALA B 132 6.57 4.69 -10.68
N GLN B 133 6.59 4.58 -9.37
CA GLN B 133 7.57 5.33 -8.59
C GLN B 133 8.10 4.45 -7.45
N LEU B 134 9.41 4.56 -7.25
CA LEU B 134 10.15 3.81 -6.22
C LEU B 134 10.42 4.59 -4.93
N LEU B 135 9.92 4.08 -3.82
CA LEU B 135 10.16 4.72 -2.52
C LEU B 135 11.14 3.83 -1.78
N VAL B 136 11.84 4.40 -0.81
CA VAL B 136 12.75 3.60 0.02
C VAL B 136 12.40 4.02 1.45
N GLN B 137 12.18 3.05 2.32
CA GLN B 137 11.87 3.34 3.74
C GLN B 137 12.61 2.32 4.61
N ARG B 138 12.75 2.59 5.90
CA ARG B 138 13.39 1.58 6.74
C ARG B 138 12.29 0.58 7.03
N VAL B 139 12.67 -0.66 7.36
CA VAL B 139 11.69 -1.70 7.67
C VAL B 139 12.20 -2.41 8.90
N GLU B 140 11.31 -2.81 9.80
CA GLU B 140 11.74 -3.53 10.99
C GLU B 140 11.97 -5.00 10.63
N LEU B 141 13.19 -5.47 10.79
CA LEU B 141 13.54 -6.85 10.53
C LEU B 141 13.16 -7.63 11.78
N VAL B 142 11.86 -7.78 12.04
CA VAL B 142 11.38 -8.46 13.23
C VAL B 142 11.73 -9.92 13.35
N GLU B 143 11.83 -10.34 14.58
CA GLU B 143 12.13 -11.71 14.93
C GLU B 143 10.81 -12.10 15.55
N LEU B 144 10.18 -13.11 14.98
CA LEU B 144 8.90 -13.60 15.50
C LEU B 144 9.09 -14.53 16.65
N VAL B 145 8.31 -14.32 17.69
CA VAL B 145 8.39 -15.16 18.87
C VAL B 145 6.95 -15.52 19.15
N GLU B 146 6.68 -16.82 19.08
CA GLU B 146 5.34 -17.33 19.32
C GLU B 146 4.99 -17.39 20.79
N VAL B 147 3.73 -17.10 21.11
CA VAL B 147 3.23 -17.19 22.47
C VAL B 147 1.84 -17.83 22.41
N SER B 148 1.45 -18.54 23.46
CA SER B 148 0.14 -19.18 23.46
C SER B 148 -1.00 -18.19 23.64
N SER B 149 -0.69 -17.01 24.18
CA SER B 149 -1.68 -15.94 24.41
C SER B 149 -1.01 -14.60 24.62
N PHE B 150 -1.80 -13.55 24.51
CA PHE B 150 -1.28 -12.21 24.70
C PHE B 150 -1.37 -11.77 26.15
N ASP B 151 -2.15 -12.50 26.95
CA ASP B 151 -2.38 -12.25 28.37
C ASP B 151 -1.13 -12.24 29.26
N GLU B 152 -0.34 -13.30 29.13
CA GLU B 152 0.87 -13.49 29.88
C GLU B 152 1.91 -12.36 29.67
N ALA B 153 1.94 -11.79 28.46
CA ALA B 153 2.89 -10.73 28.09
C ALA B 153 2.35 -9.32 28.19
N GLY B 154 1.12 -9.17 28.64
CA GLY B 154 0.55 -7.84 28.78
C GLY B 154 0.32 -7.19 27.43
N LEU B 155 -0.22 -7.98 26.52
CA LEU B 155 -0.49 -7.47 25.19
C LEU B 155 -1.94 -7.77 24.85
N ALA B 156 -2.79 -7.88 25.84
CA ALA B 156 -4.17 -8.19 25.54
C ALA B 156 -5.01 -6.99 25.20
N SER B 157 -5.81 -7.07 24.16
CA SER B 157 -6.64 -5.92 23.83
C SER B 157 -7.97 -6.17 24.54
N THR B 158 -8.00 -5.86 25.84
CA THR B 158 -9.20 -6.10 26.67
C THR B 158 -10.41 -5.28 26.23
N SER B 159 -10.31 -3.96 26.41
CA SER B 159 -11.39 -3.04 26.05
C SER B 159 -11.72 -3.11 24.57
N ARG B 160 -10.70 -3.04 23.71
CA ARG B 160 -10.88 -3.09 22.26
C ARG B 160 -11.41 -4.44 21.74
N GLY B 161 -11.26 -5.49 22.55
CA GLY B 161 -11.71 -6.81 22.17
C GLY B 161 -11.11 -7.25 20.85
N ASP B 162 -9.77 -7.27 20.79
CA ASP B 162 -9.03 -7.66 19.59
C ASP B 162 -9.27 -6.71 18.40
N MET C 21 2.34 10.96 19.58
CA MET C 21 3.79 11.33 19.45
C MET C 21 3.98 12.84 19.20
N SER C 22 5.24 13.28 19.25
CA SER C 22 5.61 14.70 19.10
C SER C 22 5.47 15.33 17.69
N THR C 23 5.51 14.52 16.64
CA THR C 23 5.36 15.08 15.30
C THR C 23 3.92 15.52 15.12
N THR C 24 3.74 16.76 14.67
CA THR C 24 2.41 17.32 14.40
C THR C 24 2.30 17.52 12.89
N LEU C 25 1.08 17.38 12.38
CA LEU C 25 0.79 17.50 10.95
C LEU C 25 -0.20 18.64 10.77
N ALA C 26 0.24 19.70 10.10
CA ALA C 26 -0.62 20.87 9.87
C ALA C 26 -1.69 20.50 8.88
N ILE C 27 -2.95 20.71 9.27
CA ILE C 27 -4.07 20.36 8.39
C ILE C 27 -5.07 21.52 8.22
N VAL C 28 -5.54 21.67 6.99
CA VAL C 28 -6.48 22.72 6.60
C VAL C 28 -7.78 22.11 6.09
N ARG C 29 -8.87 22.48 6.72
CA ARG C 29 -10.13 21.95 6.28
C ARG C 29 -10.65 22.83 5.18
N LEU C 30 -10.27 22.50 3.95
CA LEU C 30 -10.73 23.24 2.78
C LEU C 30 -12.24 23.32 2.81
N ASP C 31 -12.87 22.23 3.21
CA ASP C 31 -14.32 22.16 3.34
C ASP C 31 -14.52 22.12 4.86
N PRO C 32 -15.06 23.20 5.43
CA PRO C 32 -15.25 23.19 6.90
C PRO C 32 -16.46 22.37 7.35
N GLY C 33 -17.28 21.95 6.38
CA GLY C 33 -18.47 21.17 6.65
C GLY C 33 -18.19 19.75 7.12
N LEU C 34 -16.94 19.28 6.97
CA LEU C 34 -16.56 17.92 7.37
C LEU C 34 -15.84 17.94 8.71
N PRO C 35 -15.86 16.81 9.44
CA PRO C 35 -15.18 16.70 10.74
C PRO C 35 -13.72 16.65 10.47
N LEU C 36 -12.92 17.05 11.46
CA LEU C 36 -11.50 16.98 11.26
C LEU C 36 -11.13 15.48 11.35
N PRO C 37 -10.22 15.02 10.48
CA PRO C 37 -9.83 13.60 10.54
C PRO C 37 -9.18 13.35 11.92
N SER C 38 -9.38 12.18 12.49
CA SER C 38 -8.79 11.91 13.80
C SER C 38 -8.35 10.46 13.93
N ARG C 39 -7.62 10.15 15.00
CA ARG C 39 -7.14 8.78 15.23
C ARG C 39 -8.12 8.11 16.20
N ALA C 40 -8.65 6.96 15.83
CA ALA C 40 -9.60 6.26 16.71
C ALA C 40 -9.03 5.74 18.06
N HIS C 41 -7.88 5.10 17.99
CA HIS C 41 -7.22 4.54 19.17
C HIS C 41 -5.78 4.98 19.25
N ASP C 42 -5.22 4.88 20.43
CA ASP C 42 -3.89 5.38 20.69
C ASP C 42 -2.74 5.06 19.76
N GLY C 43 -2.62 3.80 19.34
CA GLY C 43 -1.52 3.46 18.43
C GLY C 43 -1.97 3.28 16.98
N ASP C 44 -3.24 3.56 16.68
CA ASP C 44 -3.75 3.37 15.34
C ASP C 44 -2.87 4.05 14.35
N ALA C 45 -2.63 3.39 13.24
CA ALA C 45 -1.75 3.86 12.20
C ALA C 45 -2.05 5.12 11.38
N GLY C 46 -3.31 5.31 11.09
CA GLY C 46 -3.75 6.47 10.28
C GLY C 46 -5.01 7.13 10.79
N VAL C 47 -5.46 8.11 10.04
CA VAL C 47 -6.67 8.80 10.40
C VAL C 47 -7.61 8.70 9.20
N ASP C 48 -8.90 8.39 9.44
CA ASP C 48 -9.86 8.28 8.36
C ASP C 48 -10.15 9.62 7.69
N LEU C 49 -10.08 9.63 6.36
CA LEU C 49 -10.40 10.83 5.59
C LEU C 49 -11.87 10.75 5.12
N TYR C 50 -12.52 11.92 4.96
CA TYR C 50 -13.92 11.91 4.54
C TYR C 50 -14.12 12.29 3.08
N SER C 51 -15.30 11.98 2.56
CA SER C 51 -15.65 12.33 1.20
C SER C 51 -16.36 13.66 1.32
N ALA C 52 -15.95 14.65 0.56
CA ALA C 52 -16.65 15.93 0.58
C ALA C 52 -17.79 15.85 -0.44
N GLU C 53 -17.93 14.76 -1.18
CA GLU C 53 -18.97 14.76 -2.17
C GLU C 53 -19.73 13.47 -2.29
N ASP C 54 -20.86 13.53 -2.97
CA ASP C 54 -21.68 12.35 -3.20
C ASP C 54 -21.27 11.81 -4.58
N VAL C 55 -21.00 10.51 -4.61
CA VAL C 55 -20.58 9.84 -5.84
C VAL C 55 -21.17 8.45 -5.89
N GLU C 56 -21.41 7.91 -7.08
CA GLU C 56 -21.92 6.55 -7.19
C GLU C 56 -21.08 5.89 -8.26
N LEU C 57 -20.59 4.69 -7.95
CA LEU C 57 -19.73 3.92 -8.87
C LEU C 57 -20.40 2.68 -9.42
N ALA C 58 -20.60 2.62 -10.72
CA ALA C 58 -21.18 1.41 -11.31
C ALA C 58 -20.08 0.35 -11.26
N PRO C 59 -20.43 -0.95 -11.37
CA PRO C 59 -19.36 -1.94 -11.32
C PRO C 59 -18.18 -1.68 -12.27
N GLY C 60 -16.98 -1.68 -11.71
CA GLY C 60 -15.79 -1.48 -12.50
C GLY C 60 -15.39 -0.05 -12.81
N ARG C 61 -16.20 0.92 -12.40
CA ARG C 61 -15.92 2.32 -12.66
C ARG C 61 -15.27 3.03 -11.49
N ARG C 62 -14.44 4.03 -11.81
CA ARG C 62 -13.70 4.79 -10.80
C ARG C 62 -14.18 6.24 -10.70
N ALA C 63 -13.55 6.99 -9.81
CA ALA C 63 -13.88 8.39 -9.55
C ALA C 63 -12.84 9.08 -8.63
N LEU C 64 -12.43 10.28 -8.96
CA LEU C 64 -11.46 10.97 -8.13
C LEU C 64 -12.26 11.82 -7.17
N VAL C 65 -12.24 11.47 -5.89
CA VAL C 65 -13.04 12.19 -4.89
C VAL C 65 -12.29 13.19 -4.03
N ARG C 66 -12.92 14.33 -3.76
CA ARG C 66 -12.29 15.34 -2.92
C ARG C 66 -12.46 14.99 -1.42
N THR C 67 -11.44 15.18 -0.60
CA THR C 67 -11.63 14.84 0.80
C THR C 67 -11.83 16.09 1.65
N GLY C 68 -11.74 17.25 1.02
CA GLY C 68 -11.95 18.47 1.76
C GLY C 68 -10.82 18.91 2.68
N VAL C 69 -9.63 18.26 2.60
CA VAL C 69 -8.46 18.59 3.43
C VAL C 69 -7.15 18.67 2.64
N ALA C 70 -6.21 19.45 3.17
CA ALA C 70 -4.86 19.70 2.63
C ALA C 70 -3.95 19.60 3.85
N VAL C 71 -2.86 18.88 3.72
CA VAL C 71 -1.96 18.72 4.84
C VAL C 71 -0.56 19.20 4.46
N ALA C 72 0.28 19.35 5.48
CA ALA C 72 1.66 19.76 5.28
C ALA C 72 2.52 18.70 5.92
N VAL C 73 2.76 17.64 5.14
CA VAL C 73 3.59 16.53 5.57
C VAL C 73 5.00 17.02 5.85
N PRO C 74 5.52 16.74 7.06
CA PRO C 74 6.87 17.17 7.43
C PRO C 74 7.91 16.70 6.42
N PHE C 75 8.93 17.52 6.22
CA PHE C 75 10.02 17.17 5.31
C PHE C 75 10.61 15.88 5.89
N GLY C 76 11.06 14.99 4.98
CA GLY C 76 11.62 13.70 5.38
C GLY C 76 10.51 12.68 5.68
N MET C 77 9.27 13.06 5.46
CA MET C 77 8.14 12.17 5.71
C MET C 77 7.22 12.04 4.52
N VAL C 78 6.28 11.11 4.55
CA VAL C 78 5.38 10.93 3.41
C VAL C 78 3.98 10.56 3.87
N GLY C 79 2.97 11.09 3.17
CA GLY C 79 1.60 10.80 3.50
C GLY C 79 1.22 9.62 2.67
N LEU C 80 0.48 8.69 3.25
CA LEU C 80 0.06 7.51 2.51
C LEU C 80 -1.42 7.25 2.62
N VAL C 81 -2.08 7.24 1.49
CA VAL C 81 -3.49 6.97 1.43
C VAL C 81 -3.76 5.46 1.25
N HIS C 82 -4.38 4.86 2.28
CA HIS C 82 -4.75 3.43 2.26
C HIS C 82 -6.25 3.22 2.16
N PRO C 83 -6.65 2.08 1.55
CA PRO C 83 -8.07 1.78 1.40
C PRO C 83 -8.52 1.27 2.78
N ARG C 84 -9.81 1.40 3.08
CA ARG C 84 -10.37 0.89 4.33
C ARG C 84 -10.79 -0.56 4.05
N SER C 85 -10.41 -1.47 4.94
CA SER C 85 -10.70 -2.88 4.71
C SER C 85 -12.16 -3.31 4.85
N GLY C 86 -12.92 -2.65 5.72
CA GLY C 86 -14.33 -3.01 5.83
C GLY C 86 -15.00 -2.95 4.48
N LEU C 87 -15.05 -1.76 3.91
CA LEU C 87 -15.66 -1.52 2.60
C LEU C 87 -15.02 -2.36 1.50
N ALA C 88 -13.72 -2.57 1.62
CA ALA C 88 -13.03 -3.36 0.62
C ALA C 88 -13.73 -4.71 0.53
N THR C 89 -14.01 -5.32 1.67
CA THR C 89 -14.68 -6.62 1.71
C THR C 89 -16.21 -6.55 1.45
N ARG C 90 -16.95 -5.84 2.29
CA ARG C 90 -18.38 -5.78 2.08
C ARG C 90 -18.83 -5.42 0.66
N VAL C 91 -18.27 -4.38 0.06
CA VAL C 91 -18.70 -3.99 -1.28
C VAL C 91 -17.64 -3.93 -2.36
N GLY C 92 -16.42 -4.38 -2.04
CA GLY C 92 -15.33 -4.36 -3.00
C GLY C 92 -14.79 -2.96 -3.31
N LEU C 93 -14.93 -2.04 -2.36
CA LEU C 93 -14.44 -0.71 -2.63
C LEU C 93 -12.92 -0.70 -2.54
N SER C 94 -12.28 0.01 -3.49
CA SER C 94 -10.83 0.12 -3.51
C SER C 94 -10.29 1.45 -4.01
N ILE C 95 -8.96 1.60 -4.04
CA ILE C 95 -8.30 2.83 -4.50
C ILE C 95 -7.31 2.47 -5.59
N VAL C 96 -7.56 2.97 -6.80
CA VAL C 96 -6.73 2.70 -8.00
C VAL C 96 -5.21 2.80 -7.79
N ASN C 97 -4.75 3.92 -7.22
CA ASN C 97 -3.29 4.07 -7.01
C ASN C 97 -2.84 3.81 -5.56
N SER C 98 -3.53 2.90 -4.87
CA SER C 98 -3.10 2.57 -3.52
C SER C 98 -1.69 1.96 -3.54
N PRO C 99 -0.80 2.40 -2.63
CA PRO C 99 -1.02 3.42 -1.61
C PRO C 99 -0.76 4.75 -2.24
N GLY C 100 -1.73 5.65 -2.13
CA GLY C 100 -1.58 6.98 -2.69
C GLY C 100 -0.42 7.65 -1.96
N THR C 101 0.43 8.35 -2.72
CA THR C 101 1.59 9.06 -2.19
C THR C 101 1.39 10.58 -2.09
N ILE C 102 1.49 11.08 -0.88
CA ILE C 102 1.37 12.51 -0.62
C ILE C 102 2.74 13.08 -0.26
N ASP C 103 3.33 13.82 -1.18
CA ASP C 103 4.64 14.41 -0.91
C ASP C 103 4.65 15.54 0.10
N ALA C 104 5.75 15.62 0.82
CA ALA C 104 5.94 16.63 1.83
C ALA C 104 5.69 18.01 1.29
N GLY C 105 5.94 18.20 -0.01
CA GLY C 105 5.75 19.51 -0.61
C GLY C 105 4.36 19.82 -1.07
N TYR C 106 3.54 18.80 -1.32
CA TYR C 106 2.19 19.00 -1.79
C TYR C 106 1.36 19.79 -0.84
N ARG C 107 0.78 20.87 -1.33
CA ARG C 107 -0.06 21.66 -0.47
C ARG C 107 -1.47 21.72 -1.02
N GLY C 108 -1.78 20.90 -2.01
CA GLY C 108 -3.10 20.89 -2.58
C GLY C 108 -4.07 20.03 -1.79
N GLU C 109 -5.25 19.87 -2.32
CA GLU C 109 -6.26 19.06 -1.65
C GLU C 109 -6.00 17.58 -1.88
N ILE C 110 -6.23 16.78 -0.85
CA ILE C 110 -6.07 15.35 -0.97
C ILE C 110 -7.28 14.75 -1.69
N LYS C 111 -7.02 14.01 -2.76
CA LYS C 111 -8.10 13.36 -3.47
C LYS C 111 -7.85 11.85 -3.49
N VAL C 112 -8.93 11.08 -3.46
CA VAL C 112 -8.89 9.63 -3.45
C VAL C 112 -9.42 9.03 -4.73
N ALA C 113 -8.61 8.21 -5.39
CA ALA C 113 -9.05 7.57 -6.61
C ALA C 113 -9.87 6.32 -6.27
N LEU C 114 -11.13 6.49 -5.91
CA LEU C 114 -11.97 5.35 -5.59
C LEU C 114 -12.42 4.57 -6.82
N ILE C 115 -12.48 3.25 -6.68
CA ILE C 115 -12.94 2.38 -7.76
C ILE C 115 -13.80 1.24 -7.19
N ASN C 116 -14.81 0.82 -7.96
CA ASN C 116 -15.72 -0.26 -7.57
C ASN C 116 -15.22 -1.57 -8.17
N LEU C 117 -14.57 -2.41 -7.36
CA LEU C 117 -14.07 -3.69 -7.88
C LEU C 117 -15.07 -4.84 -7.86
N ASP C 118 -16.30 -4.56 -7.39
CA ASP C 118 -17.30 -5.61 -7.39
C ASP C 118 -17.85 -5.81 -8.81
N PRO C 119 -18.18 -7.08 -9.15
CA PRO C 119 -18.70 -7.40 -10.47
C PRO C 119 -20.09 -6.86 -10.83
N ALA C 120 -21.03 -6.83 -9.88
CA ALA C 120 -22.38 -6.38 -10.26
C ALA C 120 -23.12 -5.34 -9.42
N ALA C 121 -22.67 -5.03 -8.22
CA ALA C 121 -23.37 -4.07 -7.37
C ALA C 121 -22.73 -2.70 -7.29
N PRO C 122 -23.53 -1.65 -7.55
CA PRO C 122 -23.04 -0.27 -7.50
C PRO C 122 -22.77 0.15 -6.06
N ILE C 123 -21.76 1.00 -5.89
CA ILE C 123 -21.40 1.44 -4.57
C ILE C 123 -21.85 2.88 -4.51
N VAL C 124 -22.44 3.27 -3.40
CA VAL C 124 -22.89 4.63 -3.25
C VAL C 124 -22.11 5.30 -2.12
N VAL C 125 -21.42 6.37 -2.48
CA VAL C 125 -20.64 7.15 -1.52
C VAL C 125 -21.34 8.47 -1.24
N HIS C 126 -21.52 8.76 0.06
CA HIS C 126 -22.19 9.97 0.50
C HIS C 126 -21.18 10.92 1.08
N ARG C 127 -21.44 12.21 0.91
CA ARG C 127 -20.55 13.20 1.49
C ARG C 127 -20.59 12.92 3.02
N GLY C 128 -19.45 12.93 3.67
CA GLY C 128 -19.42 12.66 5.10
C GLY C 128 -18.96 11.24 5.42
N ASP C 129 -18.99 10.36 4.42
CA ASP C 129 -18.55 8.98 4.63
C ASP C 129 -17.02 8.90 4.76
N ARG C 130 -16.52 7.94 5.54
CA ARG C 130 -15.07 7.76 5.68
C ARG C 130 -14.67 6.80 4.56
N ILE C 131 -13.97 7.33 3.56
CA ILE C 131 -13.56 6.57 2.38
C ILE C 131 -12.11 6.05 2.31
N ALA C 132 -11.26 6.52 3.22
CA ALA C 132 -9.87 6.07 3.22
C ALA C 132 -9.27 6.42 4.56
N GLN C 133 -7.97 6.19 4.68
CA GLN C 133 -7.26 6.55 5.88
C GLN C 133 -5.84 7.00 5.51
N LEU C 134 -5.38 8.07 6.15
CA LEU C 134 -4.08 8.64 5.89
C LEU C 134 -3.07 8.24 6.95
N LEU C 135 -1.95 7.67 6.52
CA LEU C 135 -0.87 7.29 7.44
C LEU C 135 0.27 8.25 7.15
N VAL C 136 1.16 8.45 8.12
CA VAL C 136 2.34 9.29 7.90
C VAL C 136 3.57 8.54 8.38
N GLN C 137 4.58 8.45 7.53
CA GLN C 137 5.78 7.72 7.91
C GLN C 137 7.00 8.49 7.43
N ARG C 138 8.17 8.17 7.95
CA ARG C 138 9.36 8.83 7.46
C ARG C 138 9.73 8.12 6.15
N VAL C 139 10.46 8.81 5.28
CA VAL C 139 10.88 8.20 4.04
C VAL C 139 12.34 8.51 3.85
N GLU C 140 13.09 7.56 3.29
CA GLU C 140 14.49 7.77 3.02
C GLU C 140 14.62 8.55 1.72
N LEU C 141 15.09 9.79 1.79
CA LEU C 141 15.28 10.63 0.59
C LEU C 141 16.67 10.25 0.06
N VAL C 142 16.76 9.02 -0.43
CA VAL C 142 18.02 8.52 -0.94
C VAL C 142 18.55 9.36 -2.08
N GLU C 143 19.85 9.26 -2.26
CA GLU C 143 20.53 9.97 -3.29
C GLU C 143 20.94 8.81 -4.16
N LEU C 144 20.50 8.79 -5.41
CA LEU C 144 20.87 7.70 -6.28
C LEU C 144 22.28 7.93 -6.78
N VAL C 145 23.02 6.83 -6.88
CA VAL C 145 24.38 6.89 -7.35
C VAL C 145 24.45 5.74 -8.32
N GLU C 146 24.67 6.09 -9.58
CA GLU C 146 24.78 5.11 -10.63
C GLU C 146 26.12 4.38 -10.58
N VAL C 147 26.07 3.09 -10.78
CA VAL C 147 27.26 2.27 -10.77
C VAL C 147 27.12 1.38 -12.00
N SER C 148 28.22 1.06 -12.64
CA SER C 148 28.17 0.22 -13.84
C SER C 148 27.73 -1.23 -13.54
N SER C 149 28.02 -1.68 -12.33
CA SER C 149 27.67 -3.01 -11.84
C SER C 149 27.62 -3.04 -10.34
N PHE C 150 27.12 -4.14 -9.78
CA PHE C 150 27.03 -4.22 -8.33
C PHE C 150 28.32 -4.81 -7.80
MG MG D . 8.77 -13.44 -1.41
N1 DUD E . -7.21 -6.10 9.31
C2 DUD E . -6.93 -7.44 9.00
N3 DUD E . -6.41 -7.62 7.72
C4 DUD E . -6.20 -6.61 6.73
C5 DUD E . -6.53 -5.27 7.13
C6 DUD E . -7.01 -5.08 8.36
O2 DUD E . -7.08 -8.39 9.78
O4 DUD E . -5.74 -6.88 5.63
C1' DUD E . -7.76 -5.75 10.66
C2' DUD E . -6.63 -5.35 11.57
C3' DUD E . -6.64 -3.82 11.64
C4' DUD E . -8.07 -3.57 11.38
O4' DUD E . -8.64 -4.64 10.60
O3' DUD E . -6.24 -3.31 12.93
C5' DUD E . -8.09 -2.29 10.60
O5' DUD E . -9.35 -1.92 10.20
PA DUD E . -9.44 -0.88 8.93
O1A DUD E . -9.42 0.54 9.40
O2A DUD E . -8.52 -1.30 7.76
O3A DUD E . -11.01 -1.26 8.58
PB DUD E . -12.42 -0.51 8.60
O1B DUD E . -13.00 -0.53 7.24
O2B DUD E . -12.16 0.87 9.03
O3B DUD E . -13.22 -1.32 9.58
C TRS F . 3.76 1.53 2.70
C1 TRS F . 3.50 0.04 2.23
C2 TRS F . 2.43 1.97 3.39
C3 TRS F . 3.98 2.46 1.52
N TRS F . 4.85 1.45 3.61
O1 TRS F . 3.30 -0.67 3.46
O2 TRS F . 1.40 2.03 2.38
O3 TRS F . 5.19 2.15 0.78
C TRS G . -4.99 -2.25 -6.08
C1 TRS G . -4.96 -3.73 -6.68
C2 TRS G . -5.12 -2.42 -4.51
C3 TRS G . -6.21 -1.48 -6.54
N TRS G . -3.78 -1.64 -6.50
O1 TRS G . -3.73 -4.31 -6.16
O2 TRS G . -6.37 -3.03 -4.17
O3 TRS G . -6.21 -1.24 -7.96
MG MG H . 4.77 12.02 -9.54
N1 DUD I . 9.87 -7.35 -7.26
C2 DUD I . 9.92 -6.53 -8.42
N3 DUD I . 8.84 -5.63 -8.56
C4 DUD I . 7.69 -5.54 -7.71
C5 DUD I . 7.71 -6.41 -6.56
C6 DUD I . 8.75 -7.27 -6.41
O2 DUD I . 10.88 -6.53 -9.22
O4 DUD I . 6.79 -4.74 -7.92
C1' DUD I . 10.98 -8.34 -7.02
C2' DUD I . 11.93 -7.76 -6.00
C3' DUD I . 11.77 -8.54 -4.71
C4' DUD I . 11.08 -9.77 -5.19
O4' DUD I . 10.51 -9.57 -6.50
O3' DUD I . 13.05 -8.83 -4.11
C5' DUD I . 9.94 -9.96 -4.23
O5' DUD I . 9.14 -11.01 -4.49
PA DUD I . 7.71 -11.01 -3.73
O1A DUD I . 7.78 -11.56 -2.35
O2A DUD I . 6.92 -9.74 -3.97
O3A DUD I . 7.17 -12.21 -4.64
PB DUD I . 7.23 -13.79 -4.56
O1B DUD I . 5.84 -14.26 -4.61
O2B DUD I . 7.94 -14.16 -3.35
O3B DUD I . 7.99 -14.13 -5.81
MG MG J . -10.67 2.47 10.09
N1 DUD K . -1.96 12.95 -4.61
C2 DUD K . -3.25 13.07 -4.08
N3 DUD K . -3.87 11.81 -3.78
C4 DUD K . -3.28 10.52 -3.98
C5 DUD K . -1.95 10.53 -4.52
C6 DUD K . -1.38 11.71 -4.80
O2 DUD K . -3.82 14.16 -3.89
O4 DUD K . -3.84 9.48 -3.70
C1' DUD K . -1.22 14.18 -4.96
C2' DUD K . -0.25 14.50 -3.84
C3' DUD K . 1.14 14.17 -4.33
C4' DUD K . 0.93 14.16 -5.79
O4' DUD K . -0.47 14.01 -6.12
O3' DUD K . 2.10 15.18 -3.97
C5' DUD K . 1.70 12.95 -6.21
O5' DUD K . 1.61 12.64 -7.55
PA DUD K . 1.79 11.06 -7.81
O1A DUD K . 3.15 10.63 -7.39
O2A DUD K . 0.58 10.28 -7.31
O3A DUD K . 1.85 11.07 -9.43
PB DUD K . 1.55 11.99 -10.66
O1B DUD K . 2.86 12.19 -11.21
O2B DUD K . 0.98 13.27 -10.26
O3B DUD K . 0.72 11.14 -11.55
#